data_7GT0
#
_entry.id   7GT0
#
_cell.length_a   89.715
_cell.length_b   89.715
_cell.length_c   106.496
_cell.angle_alpha   90.000
_cell.angle_beta   90.000
_cell.angle_gamma   120.000
#
_symmetry.space_group_name_H-M   'P 31 2 1'
#
loop_
_entity.id
_entity.type
_entity.pdbx_description
1 polymer 'Tyrosine-protein phosphatase non-receptor type 1'
2 non-polymer 2-AMINO-2-HYDROXYMETHYL-PROPANE-1,3-DIOL
3 non-polymer "N-benzyl-N'-methyl-N-[(pyridin-3-yl)methyl]thiourea"
4 water water
#
_entity_poly.entity_id   1
_entity_poly.type   'polypeptide(L)'
_entity_poly.pdbx_seq_one_letter_code
;MEMEKEFEQIDKSGSWAAIYQDIRHEASDFPSRVAKLPKNKNRNRYRDVSPFDHSRIKLHQEDNDYINASLIKMEEAQRS
YILTQGPLPNTVGHFWEMVWEQKSRGVVMLNRVMEKGSLKCAQYWPQKEEKEMIFEDTNLKLTLISEDIKSYYTVRQLEL
ENLTTQETREILHFHYTTWPDFGVPESPASFLNFLFKVRESGSLSPEHGPVVVHCSAGIGRSGTFCLADTCLLLMDKRKD
PSSVDIKKVLLEMRKFRMGLIQTADQLRFSYLAVIEGAKFIMGDSSVQDQWKELSHEDLEPPPEHIPPPPRPPKRILEPH
N
;
_entity_poly.pdbx_strand_id   A
#
loop_
_chem_comp.id
_chem_comp.type
_chem_comp.name
_chem_comp.formula
A1ABG non-polymer N-benzyl-N'-methyl-N-[(pyridin-3-yl)methyl]thiourea 'C15 H17 N3 S'
TRS non-polymer 2-AMINO-2-HYDROXYMETHYL-PROPANE-1,3-DIOL 'C4 H12 N O3 1'
#
# COMPACT_ATOMS: atom_id res chain seq x y z
N MET A 1 26.38 3.39 7.14
CA MET A 1 26.90 4.23 6.01
C MET A 1 25.78 5.15 5.51
N GLU A 2 25.97 6.48 5.63
CA GLU A 2 25.04 7.52 5.14
C GLU A 2 24.51 7.10 3.75
N MET A 3 23.21 6.80 3.67
CA MET A 3 22.56 6.24 2.45
C MET A 3 22.85 7.09 1.21
N GLU A 4 22.98 8.41 1.39
CA GLU A 4 23.45 9.41 0.37
C GLU A 4 24.66 8.84 -0.38
N LYS A 5 25.69 8.48 0.39
CA LYS A 5 27.01 8.08 -0.16
C LYS A 5 26.87 6.67 -0.72
N GLU A 6 26.17 5.79 -0.01
CA GLU A 6 25.83 4.43 -0.51
C GLU A 6 25.14 4.60 -1.86
N PHE A 7 24.31 5.62 -2.02
CA PHE A 7 23.52 5.86 -3.26
C PHE A 7 24.50 6.16 -4.41
N GLU A 8 25.35 7.16 -4.22
CA GLU A 8 26.32 7.63 -5.25
C GLU A 8 27.29 6.48 -5.61
N GLN A 9 27.76 5.71 -4.63
CA GLN A 9 28.62 4.52 -4.82
C GLN A 9 27.94 3.45 -5.71
N ILE A 10 26.64 3.16 -5.51
CA ILE A 10 25.91 2.16 -6.34
C ILE A 10 25.68 2.76 -7.75
N ASP A 11 25.34 4.05 -7.83
CA ASP A 11 25.03 4.74 -9.12
C ASP A 11 26.29 4.78 -9.98
N LYS A 12 27.42 5.19 -9.41
CA LYS A 12 28.68 5.33 -10.18
C LYS A 12 29.14 3.92 -10.61
N SER A 13 28.89 2.90 -9.79
CA SER A 13 29.26 1.50 -10.11
C SER A 13 28.17 0.80 -10.92
N GLY A 14 27.01 1.45 -11.14
CA GLY A 14 25.84 0.85 -11.81
C GLY A 14 25.58 -0.56 -11.32
N SER A 15 25.41 -0.76 -10.02
CA SER A 15 25.17 -2.10 -9.42
C SER A 15 23.75 -2.28 -8.85
N TRP A 16 22.76 -1.50 -9.31
CA TRP A 16 21.38 -1.56 -8.75
C TRP A 16 20.84 -2.99 -8.92
N ALA A 17 21.05 -3.61 -10.08
CA ALA A 17 20.53 -4.97 -10.36
C ALA A 17 21.17 -5.99 -9.41
N ALA A 18 22.42 -5.77 -9.02
CA ALA A 18 23.16 -6.69 -8.11
C ALA A 18 22.64 -6.56 -6.67
N ILE A 19 22.51 -5.33 -6.14
CA ILE A 19 21.91 -5.05 -4.81
C ILE A 19 20.53 -5.72 -4.73
N TYR A 20 19.70 -5.53 -5.76
CA TYR A 20 18.28 -5.97 -5.79
C TYR A 20 18.23 -7.49 -5.71
N GLN A 21 19.05 -8.19 -6.51
CA GLN A 21 19.09 -9.68 -6.44
C GLN A 21 19.53 -10.18 -5.05
N ASP A 22 20.44 -9.48 -4.38
CA ASP A 22 20.88 -9.82 -2.99
C ASP A 22 19.67 -9.78 -2.03
N ILE A 23 18.85 -8.73 -2.12
CA ILE A 23 17.57 -8.65 -1.35
C ILE A 23 16.70 -9.85 -1.72
N ARG A 24 16.49 -10.13 -3.01
CA ARG A 24 15.60 -11.25 -3.42
C ARG A 24 16.08 -12.55 -2.78
N HIS A 25 17.38 -12.74 -2.71
CA HIS A 25 18.02 -14.00 -2.21
C HIS A 25 17.80 -14.17 -0.70
N GLU A 26 17.93 -13.09 0.09
CA GLU A 26 17.85 -13.11 1.58
C GLU A 26 16.40 -13.01 2.09
N ALA A 27 15.42 -12.78 1.22
CA ALA A 27 14.04 -12.47 1.64
C ALA A 27 13.44 -13.72 2.28
N SER A 28 12.54 -13.54 3.24
CA SER A 28 11.81 -14.60 3.95
C SER A 28 10.97 -15.44 2.98
N ASP A 29 10.80 -16.73 3.30
CA ASP A 29 9.85 -17.62 2.60
C ASP A 29 9.00 -18.30 3.66
N PHE A 30 7.70 -17.99 3.70
CA PHE A 30 6.76 -18.53 4.69
C PHE A 30 5.66 -19.19 3.87
N PRO A 31 4.92 -20.17 4.42
CA PRO A 31 3.80 -20.77 3.72
C PRO A 31 2.63 -19.79 3.43
N SER A 32 1.97 -20.03 2.29
CA SER A 32 0.71 -19.36 1.84
C SER A 32 -0.32 -20.43 1.47
N ARG A 33 -0.64 -21.33 2.37
CA ARG A 33 -1.50 -22.52 2.06
C ARG A 33 -2.95 -22.09 1.85
N VAL A 34 -3.50 -21.17 2.67
CA VAL A 34 -4.91 -20.72 2.48
C VAL A 34 -5.08 -20.10 1.07
N ALA A 35 -4.16 -19.24 0.62
CA ALA A 35 -4.22 -18.54 -0.70
C ALA A 35 -4.36 -19.57 -1.81
N LYS A 36 -3.77 -20.76 -1.65
CA LYS A 36 -3.64 -21.74 -2.76
C LYS A 36 -4.79 -22.74 -2.73
N LEU A 37 -5.71 -22.70 -1.77
CA LEU A 37 -6.87 -23.64 -1.76
C LEU A 37 -7.70 -23.41 -3.03
N PRO A 38 -8.22 -24.51 -3.65
CA PRO A 38 -9.06 -24.38 -4.84
C PRO A 38 -10.26 -23.43 -4.71
N LYS A 39 -10.93 -23.39 -3.57
CA LYS A 39 -12.07 -22.47 -3.34
C LYS A 39 -11.62 -20.99 -3.51
N ASN A 40 -10.32 -20.67 -3.53
CA ASN A 40 -9.87 -19.24 -3.45
C ASN A 40 -9.29 -18.79 -4.78
N LYS A 41 -9.39 -19.62 -5.82
CA LYS A 41 -8.68 -19.28 -7.07
C LYS A 41 -9.21 -17.95 -7.65
N ASN A 42 -10.51 -17.69 -7.59
CA ASN A 42 -11.05 -16.46 -8.20
C ASN A 42 -10.90 -15.27 -7.22
N ARG A 43 -10.21 -15.42 -6.09
CA ARG A 43 -9.99 -14.30 -5.12
C ARG A 43 -8.56 -13.75 -5.29
N ASN A 44 -7.77 -14.32 -6.18
CA ASN A 44 -6.36 -13.92 -6.44
C ASN A 44 -6.23 -13.34 -7.84
N ARG A 45 -5.71 -12.14 -7.96
CA ARG A 45 -5.46 -11.53 -9.27
C ARG A 45 -4.31 -12.22 -9.97
N TYR A 46 -3.23 -12.56 -9.27
CA TYR A 46 -1.98 -13.10 -9.82
C TYR A 46 -1.59 -14.39 -9.08
N ARG A 47 -1.34 -15.45 -9.85
CA ARG A 47 -1.00 -16.80 -9.32
C ARG A 47 0.26 -16.75 -8.44
N ASP A 48 1.21 -15.86 -8.72
CA ASP A 48 2.53 -15.80 -8.04
C ASP A 48 2.57 -14.73 -6.92
N VAL A 49 1.44 -14.11 -6.56
CA VAL A 49 1.42 -13.08 -5.47
C VAL A 49 0.35 -13.47 -4.46
N SER A 50 0.77 -13.95 -3.29
CA SER A 50 -0.14 -14.46 -2.24
C SER A 50 0.30 -13.92 -0.89
N PRO A 51 -0.66 -13.75 0.02
CA PRO A 51 -0.34 -13.39 1.41
C PRO A 51 0.20 -14.64 2.17
N PHE A 52 1.19 -14.44 3.03
CA PHE A 52 1.61 -15.51 3.98
C PHE A 52 0.45 -15.82 4.91
N ASP A 53 0.34 -17.08 5.34
CA ASP A 53 -0.67 -17.50 6.35
C ASP A 53 -0.51 -16.71 7.67
N HIS A 54 0.70 -16.45 8.15
CA HIS A 54 0.90 -15.93 9.52
C HIS A 54 0.42 -14.47 9.61
N SER A 55 0.48 -13.71 8.52
CA SER A 55 0.19 -12.24 8.50
C SER A 55 -1.07 -11.90 7.65
N ARG A 56 -1.81 -12.90 7.16
CA ARG A 56 -2.97 -12.57 6.25
C ARG A 56 -4.08 -11.91 7.08
N ILE A 57 -4.81 -10.95 6.47
CA ILE A 57 -6.07 -10.45 7.08
C ILE A 57 -7.19 -11.46 6.89
N LYS A 58 -7.85 -11.81 8.01
CA LYS A 58 -9.06 -12.65 8.02
C LYS A 58 -10.36 -11.83 8.00
N LEU A 59 -11.23 -12.14 7.03
CA LEU A 59 -12.62 -11.59 7.02
C LEU A 59 -13.40 -12.21 8.19
N HIS A 60 -14.28 -11.45 8.84
CA HIS A 60 -15.07 -11.93 10.02
C HIS A 60 -16.33 -12.61 9.45
N GLN A 61 -16.16 -13.78 8.84
CA GLN A 61 -17.31 -14.60 8.40
C GLN A 61 -16.90 -16.07 8.36
N GLU A 62 -17.86 -16.94 8.65
CA GLU A 62 -17.63 -18.40 8.88
C GLU A 62 -17.49 -19.12 7.53
N ASP A 63 -18.19 -18.62 6.49
CA ASP A 63 -18.23 -19.20 5.13
C ASP A 63 -16.79 -19.32 4.57
N ASN A 64 -16.14 -18.18 4.31
CA ASN A 64 -14.78 -18.15 3.71
C ASN A 64 -14.15 -16.85 4.18
N ASP A 65 -13.11 -16.95 4.99
CA ASP A 65 -12.48 -15.74 5.61
C ASP A 65 -11.36 -15.17 4.74
N TYR A 66 -11.17 -15.64 3.52
CA TYR A 66 -9.95 -15.33 2.72
C TYR A 66 -10.07 -13.98 1.94
N ILE A 67 -9.04 -13.14 2.02
CA ILE A 67 -8.80 -12.01 1.06
C ILE A 67 -7.30 -11.92 0.82
N ASN A 68 -6.88 -11.55 -0.37
CA ASN A 68 -5.46 -11.33 -0.69
C ASN A 68 -5.01 -9.99 -0.08
N ALA A 69 -4.59 -10.00 1.20
CA ALA A 69 -4.21 -8.81 1.98
C ALA A 69 -3.35 -9.27 3.19
N SER A 70 -2.39 -8.44 3.54
CA SER A 70 -1.35 -8.72 4.58
C SER A 70 -1.25 -7.57 5.59
N LEU A 71 -1.03 -7.89 6.87
CA LEU A 71 -0.75 -6.86 7.90
C LEU A 71 0.75 -6.68 8.07
N ILE A 72 1.30 -5.51 7.73
CA ILE A 72 2.74 -5.18 7.86
C ILE A 72 2.87 -4.41 9.20
N LYS A 73 3.40 -5.03 10.27
CA LYS A 73 3.49 -4.38 11.60
C LYS A 73 4.93 -3.96 11.93
N MET A 74 5.24 -2.65 11.93
CA MET A 74 6.64 -2.13 12.04
C MET A 74 6.82 -1.72 13.52
N GLU A 75 7.48 -2.57 14.29
CA GLU A 75 7.48 -2.48 15.78
C GLU A 75 8.21 -1.21 16.26
N GLU A 76 9.42 -0.97 15.77
CA GLU A 76 10.22 0.22 16.21
C GLU A 76 9.58 1.53 15.74
N ALA A 77 9.09 1.57 14.49
CA ALA A 77 8.46 2.78 13.94
C ALA A 77 7.10 3.03 14.57
N GLN A 78 6.42 2.02 15.15
CA GLN A 78 5.05 2.14 15.69
C GLN A 78 4.11 2.55 14.54
N ARG A 79 4.22 1.89 13.39
CA ARG A 79 3.24 2.04 12.27
C ARG A 79 2.81 0.67 11.77
N SER A 80 1.54 0.53 11.39
CA SER A 80 1.02 -0.70 10.74
C SER A 80 0.40 -0.29 9.39
N TYR A 81 0.43 -1.22 8.43
CA TYR A 81 -0.17 -1.00 7.09
C TYR A 81 -0.84 -2.29 6.68
N ILE A 82 -1.98 -2.20 5.97
CA ILE A 82 -2.51 -3.37 5.25
C ILE A 82 -2.15 -3.17 3.79
N LEU A 83 -1.40 -4.10 3.19
CA LEU A 83 -1.11 -4.07 1.74
C LEU A 83 -1.98 -5.13 1.02
N THR A 84 -2.68 -4.73 -0.06
CA THR A 84 -3.66 -5.63 -0.72
C THR A 84 -3.56 -5.45 -2.24
N GLN A 85 -4.06 -6.42 -2.97
CA GLN A 85 -4.18 -6.33 -4.44
C GLN A 85 -5.29 -5.31 -4.79
N GLY A 86 -5.30 -4.81 -6.03
CA GLY A 86 -6.48 -4.12 -6.58
C GLY A 86 -7.67 -5.07 -6.55
N PRO A 87 -8.83 -4.64 -6.03
CA PRO A 87 -10.00 -5.49 -5.96
C PRO A 87 -10.43 -6.03 -7.35
N LEU A 88 -10.94 -7.26 -7.35
CA LEU A 88 -11.48 -7.96 -8.54
C LEU A 88 -13.00 -7.79 -8.53
N PRO A 89 -13.66 -8.02 -9.70
CA PRO A 89 -15.11 -7.90 -9.76
C PRO A 89 -15.80 -8.71 -8.66
N ASN A 90 -15.29 -9.89 -8.35
CA ASN A 90 -15.97 -10.69 -7.30
C ASN A 90 -15.38 -10.46 -5.88
N THR A 91 -14.43 -9.55 -5.66
CA THR A 91 -13.92 -9.23 -4.28
C THR A 91 -14.13 -7.77 -3.87
N VAL A 92 -14.95 -6.97 -4.59
CA VAL A 92 -15.16 -5.56 -4.15
C VAL A 92 -15.91 -5.54 -2.81
N GLY A 93 -16.88 -6.43 -2.61
CA GLY A 93 -17.60 -6.55 -1.32
C GLY A 93 -16.69 -6.96 -0.17
N HIS A 94 -15.80 -7.94 -0.40
CA HIS A 94 -14.76 -8.37 0.59
C HIS A 94 -13.87 -7.19 0.97
N PHE A 95 -13.42 -6.41 -0.02
CA PHE A 95 -12.52 -5.25 0.17
C PHE A 95 -13.17 -4.30 1.20
N TRP A 96 -14.44 -3.92 1.00
CA TRP A 96 -15.09 -2.90 1.87
C TRP A 96 -15.41 -3.56 3.24
N GLU A 97 -15.69 -4.85 3.28
CA GLU A 97 -15.84 -5.60 4.56
C GLU A 97 -14.56 -5.47 5.40
N MET A 98 -13.39 -5.64 4.78
CA MET A 98 -12.08 -5.54 5.46
C MET A 98 -11.87 -4.13 6.00
N VAL A 99 -12.12 -3.09 5.18
CA VAL A 99 -11.96 -1.70 5.65
C VAL A 99 -12.82 -1.51 6.92
N TRP A 100 -14.07 -1.98 6.89
CA TRP A 100 -15.05 -1.84 7.99
C TRP A 100 -14.50 -2.56 9.23
N GLU A 101 -14.18 -3.84 9.06
CA GLU A 101 -13.77 -4.71 10.22
C GLU A 101 -12.45 -4.29 10.86
N GLN A 102 -11.50 -3.74 10.09
CA GLN A 102 -10.16 -3.33 10.58
C GLN A 102 -10.17 -1.88 11.10
N LYS A 103 -11.29 -1.16 10.97
CA LYS A 103 -11.46 0.25 11.45
C LYS A 103 -10.51 1.25 10.77
N SER A 104 -10.16 0.99 9.53
CA SER A 104 -9.32 1.88 8.73
C SER A 104 -10.02 3.24 8.51
N ARG A 105 -9.24 4.29 8.42
CA ARG A 105 -9.71 5.68 8.12
C ARG A 105 -9.41 6.02 6.66
N GLY A 106 -8.32 5.47 6.09
CA GLY A 106 -7.81 5.85 4.77
C GLY A 106 -7.64 4.64 3.87
N VAL A 107 -7.81 4.86 2.57
CA VAL A 107 -7.45 3.90 1.47
C VAL A 107 -6.50 4.66 0.56
N VAL A 108 -5.33 4.13 0.27
CA VAL A 108 -4.30 4.70 -0.62
C VAL A 108 -4.22 3.87 -1.91
N MET A 109 -4.56 4.47 -3.07
CA MET A 109 -4.59 3.79 -4.38
C MET A 109 -3.46 4.36 -5.25
N LEU A 110 -2.52 3.54 -5.76
CA LEU A 110 -1.34 4.03 -6.47
C LEU A 110 -1.38 3.69 -7.98
N ASN A 111 -2.51 3.19 -8.46
CA ASN A 111 -2.66 2.80 -9.89
C ASN A 111 -3.90 3.48 -10.48
N ARG A 112 -3.99 3.46 -11.82
CA ARG A 112 -5.23 3.83 -12.57
C ARG A 112 -6.00 2.55 -12.84
N VAL A 113 -7.34 2.65 -12.99
CA VAL A 113 -8.21 1.48 -13.24
C VAL A 113 -7.76 0.80 -14.57
N MET A 114 -7.41 1.61 -15.57
CA MET A 114 -6.83 1.09 -16.84
C MET A 114 -5.40 1.61 -17.01
N GLU A 115 -4.45 0.69 -17.23
CA GLU A 115 -3.04 1.05 -17.58
C GLU A 115 -2.57 0.10 -18.70
N LYS A 116 -1.74 0.60 -19.61
CA LYS A 116 -1.20 -0.25 -20.70
C LYS A 116 -2.34 -0.95 -21.47
N GLY A 117 -3.50 -0.30 -21.58
CA GLY A 117 -4.69 -0.81 -22.30
C GLY A 117 -5.40 -1.99 -21.67
N SER A 118 -5.13 -2.33 -20.38
CA SER A 118 -5.74 -3.50 -19.70
C SER A 118 -6.32 -3.06 -18.34
N LEU A 119 -7.28 -3.79 -17.81
CA LEU A 119 -7.85 -3.40 -16.50
C LEU A 119 -6.91 -3.86 -15.37
N LYS A 120 -6.49 -2.96 -14.51
CA LYS A 120 -5.58 -3.28 -13.38
C LYS A 120 -6.33 -3.41 -12.05
N CYS A 121 -7.58 -2.94 -11.97
CA CYS A 121 -8.48 -3.15 -10.81
C CYS A 121 -9.91 -2.71 -11.13
N ALA A 122 -10.87 -3.22 -10.39
CA ALA A 122 -12.30 -2.96 -10.58
C ALA A 122 -12.59 -1.48 -10.26
N GLN A 123 -13.66 -0.93 -10.81
CA GLN A 123 -14.14 0.43 -10.43
C GLN A 123 -14.90 0.23 -9.12
N TYR A 124 -14.23 0.31 -7.94
CA TYR A 124 -14.75 -0.19 -6.65
C TYR A 124 -15.35 0.94 -5.78
N TRP A 125 -15.38 2.18 -6.28
CA TRP A 125 -15.98 3.34 -5.55
C TRP A 125 -16.90 4.08 -6.52
N PRO A 126 -17.92 4.81 -6.01
CA PRO A 126 -18.87 5.57 -6.87
C PRO A 126 -18.26 6.84 -7.45
N GLN A 127 -18.60 7.14 -8.70
CA GLN A 127 -18.03 8.29 -9.45
C GLN A 127 -18.98 9.52 -9.35
N LYS A 128 -20.21 9.32 -8.97
CA LYS A 128 -21.21 10.42 -8.79
C LYS A 128 -21.90 10.31 -7.45
N GLU A 129 -22.14 11.48 -6.85
CA GLU A 129 -22.80 11.62 -5.51
C GLU A 129 -24.13 10.87 -5.53
N GLU A 130 -24.96 11.09 -6.56
CA GLU A 130 -26.35 10.59 -6.59
C GLU A 130 -26.43 9.12 -7.04
N LYS A 131 -25.30 8.47 -7.32
CA LYS A 131 -25.33 7.03 -7.72
C LYS A 131 -24.46 6.18 -6.75
N GLU A 132 -25.00 5.87 -5.59
CA GLU A 132 -24.27 5.12 -4.55
C GLU A 132 -24.15 3.64 -4.98
N MET A 133 -23.34 2.88 -4.25
CA MET A 133 -23.04 1.45 -4.55
C MET A 133 -23.50 0.63 -3.36
N ILE A 134 -24.19 -0.47 -3.64
CA ILE A 134 -24.59 -1.43 -2.58
C ILE A 134 -23.89 -2.77 -2.88
N PHE A 135 -23.25 -3.35 -1.86
CA PHE A 135 -22.49 -4.64 -1.92
C PHE A 135 -23.37 -5.65 -1.18
N GLU A 136 -24.17 -6.44 -1.93
CA GLU A 136 -25.25 -7.26 -1.31
C GLU A 136 -24.60 -8.41 -0.53
N ASP A 137 -23.52 -8.98 -1.05
CA ASP A 137 -22.82 -10.13 -0.40
C ASP A 137 -22.30 -9.74 1.00
N THR A 138 -21.87 -8.51 1.28
CA THR A 138 -21.34 -8.10 2.63
C THR A 138 -22.28 -7.11 3.37
N ASN A 139 -23.41 -6.69 2.77
CA ASN A 139 -24.39 -5.78 3.42
C ASN A 139 -23.81 -4.39 3.74
N LEU A 140 -23.12 -3.78 2.77
CA LEU A 140 -22.53 -2.42 2.92
C LEU A 140 -23.07 -1.48 1.83
N LYS A 141 -23.17 -0.19 2.17
CA LYS A 141 -23.48 0.88 1.20
C LYS A 141 -22.37 1.92 1.20
N LEU A 142 -21.96 2.35 0.01
CA LEU A 142 -20.85 3.30 -0.15
C LEU A 142 -21.34 4.50 -0.99
N THR A 143 -21.17 5.72 -0.49
CA THR A 143 -21.60 6.99 -1.15
C THR A 143 -20.45 7.93 -1.34
N LEU A 144 -20.31 8.52 -2.52
CA LEU A 144 -19.34 9.61 -2.74
C LEU A 144 -19.88 10.90 -2.09
N ILE A 145 -19.10 11.52 -1.20
CA ILE A 145 -19.48 12.76 -0.44
C ILE A 145 -18.90 13.98 -1.14
N SER A 146 -17.65 13.94 -1.54
CA SER A 146 -16.93 15.04 -2.20
C SER A 146 -15.68 14.51 -2.88
N GLU A 147 -15.15 15.27 -3.83
CA GLU A 147 -13.98 14.88 -4.66
C GLU A 147 -13.16 16.15 -4.84
N ASP A 148 -11.84 16.07 -4.59
CA ASP A 148 -10.87 17.19 -4.78
C ASP A 148 -9.80 16.75 -5.79
N ILE A 149 -9.89 17.21 -7.04
CA ILE A 149 -8.98 16.77 -8.15
C ILE A 149 -7.80 17.72 -8.30
N LYS A 150 -6.57 17.24 -8.10
CA LYS A 150 -5.34 18.04 -8.21
C LYS A 150 -4.53 17.51 -9.37
N SER A 151 -3.43 18.16 -9.70
CA SER A 151 -2.60 17.79 -10.88
C SER A 151 -2.01 16.39 -10.73
N TYR A 152 -1.56 15.98 -9.53
CA TYR A 152 -0.83 14.70 -9.38
C TYR A 152 -1.64 13.63 -8.61
N TYR A 153 -2.80 14.01 -8.08
CA TYR A 153 -3.61 13.12 -7.21
C TYR A 153 -5.01 13.71 -7.00
N THR A 154 -5.92 12.85 -6.56
CA THR A 154 -7.34 13.17 -6.23
C THR A 154 -7.60 12.66 -4.80
N VAL A 155 -8.22 13.48 -3.97
CA VAL A 155 -8.73 13.03 -2.65
C VAL A 155 -10.24 13.00 -2.66
N ARG A 156 -10.81 11.91 -2.18
CA ARG A 156 -12.27 11.74 -2.09
C ARG A 156 -12.69 11.47 -0.65
N GLN A 157 -13.84 12.02 -0.28
CA GLN A 157 -14.52 11.74 1.00
C GLN A 157 -15.68 10.77 0.71
N LEU A 158 -15.65 9.59 1.34
CA LEU A 158 -16.62 8.50 1.10
C LEU A 158 -17.39 8.23 2.40
N GLU A 159 -18.64 7.81 2.30
CA GLU A 159 -19.39 7.38 3.50
C GLU A 159 -19.66 5.88 3.38
N LEU A 160 -19.20 5.09 4.35
CA LEU A 160 -19.43 3.64 4.38
C LEU A 160 -20.46 3.34 5.48
N GLU A 161 -21.55 2.68 5.10
CA GLU A 161 -22.64 2.32 6.03
C GLU A 161 -22.71 0.81 6.13
N ASN A 162 -22.63 0.32 7.36
CA ASN A 162 -22.96 -1.09 7.70
C ASN A 162 -24.48 -1.24 7.73
N LEU A 163 -25.08 -1.87 6.69
CA LEU A 163 -26.56 -1.86 6.52
C LEU A 163 -27.20 -2.73 7.61
N THR A 164 -26.40 -3.54 8.31
CA THR A 164 -26.86 -4.45 9.38
C THR A 164 -27.18 -3.64 10.65
N THR A 165 -26.37 -2.62 10.98
CA THR A 165 -26.45 -1.84 12.25
C THR A 165 -26.80 -0.37 11.99
N GLN A 166 -26.75 0.08 10.74
CA GLN A 166 -26.95 1.49 10.34
C GLN A 166 -25.87 2.38 10.97
N GLU A 167 -24.74 1.83 11.44
CA GLU A 167 -23.58 2.71 11.73
C GLU A 167 -22.97 3.20 10.40
N THR A 168 -22.39 4.40 10.41
CA THR A 168 -21.69 5.02 9.26
C THR A 168 -20.32 5.47 9.72
N ARG A 169 -19.38 5.58 8.79
CA ARG A 169 -18.04 6.13 9.03
C ARG A 169 -17.59 6.84 7.79
N GLU A 170 -16.78 7.89 7.96
CA GLU A 170 -16.13 8.66 6.87
C GLU A 170 -14.78 8.01 6.51
N ILE A 171 -14.64 7.54 5.27
CA ILE A 171 -13.34 6.99 4.76
C ILE A 171 -12.72 8.02 3.80
N LEU A 172 -11.43 8.28 3.88
CA LEU A 172 -10.74 9.17 2.93
C LEU A 172 -10.03 8.29 1.87
N HIS A 173 -10.24 8.58 0.59
CA HIS A 173 -9.61 7.86 -0.55
C HIS A 173 -8.53 8.75 -1.15
N PHE A 174 -7.26 8.37 -1.06
CA PHE A 174 -6.09 9.09 -1.59
C PHE A 174 -5.61 8.39 -2.84
N HIS A 175 -5.85 9.00 -4.01
CA HIS A 175 -5.58 8.38 -5.34
C HIS A 175 -4.45 9.07 -6.06
N TYR A 176 -3.26 8.46 -6.07
CA TYR A 176 -2.09 8.95 -6.82
C TYR A 176 -2.31 8.55 -8.28
N THR A 177 -2.49 9.53 -9.17
CA THR A 177 -3.02 9.29 -10.55
C THR A 177 -1.95 9.41 -11.64
N THR A 178 -0.70 9.73 -11.32
CA THR A 178 0.34 10.10 -12.32
C THR A 178 1.54 9.17 -12.30
N TRP A 179 1.49 7.99 -11.65
CA TRP A 179 2.64 7.05 -11.78
C TRP A 179 2.67 6.62 -13.25
N PRO A 180 3.81 6.74 -13.96
CA PRO A 180 3.84 6.37 -15.39
C PRO A 180 3.61 4.87 -15.68
N ASP A 181 3.05 4.57 -16.87
CA ASP A 181 2.72 3.17 -17.27
C ASP A 181 4.00 2.31 -17.22
N PHE A 182 5.16 2.83 -17.65
CA PHE A 182 6.48 2.14 -17.55
C PHE A 182 7.49 2.89 -16.66
N GLY A 183 8.34 2.14 -15.96
CA GLY A 183 9.37 2.71 -15.05
C GLY A 183 8.81 3.43 -13.82
N VAL A 184 9.54 4.45 -13.35
CA VAL A 184 9.24 5.16 -12.06
C VAL A 184 9.30 6.64 -12.36
N PRO A 185 8.73 7.51 -11.49
CA PRO A 185 8.81 8.96 -11.72
C PRO A 185 10.27 9.46 -11.74
N GLU A 186 10.54 10.45 -12.59
CA GLU A 186 11.89 11.05 -12.71
C GLU A 186 12.30 11.77 -11.42
N SER A 187 11.37 12.47 -10.77
CA SER A 187 11.58 13.17 -9.46
C SER A 187 10.61 12.59 -8.44
N PRO A 188 11.03 12.46 -7.16
CA PRO A 188 10.14 11.96 -6.11
C PRO A 188 9.33 13.07 -5.46
N ALA A 189 9.44 14.32 -5.95
CA ALA A 189 8.79 15.48 -5.31
C ALA A 189 7.28 15.26 -5.24
N SER A 190 6.62 14.82 -6.32
CA SER A 190 5.15 14.68 -6.27
C SER A 190 4.74 13.49 -5.39
N PHE A 191 5.51 12.40 -5.38
CA PHE A 191 5.23 11.23 -4.50
C PHE A 191 5.34 11.64 -3.00
N LEU A 192 6.42 12.34 -2.67
CA LEU A 192 6.68 12.89 -1.29
C LEU A 192 5.56 13.85 -0.91
N ASN A 193 5.17 14.75 -1.82
CA ASN A 193 4.06 15.73 -1.59
C ASN A 193 2.78 14.94 -1.25
N PHE A 194 2.49 13.85 -1.97
CA PHE A 194 1.28 13.00 -1.78
C PHE A 194 1.34 12.30 -0.41
N LEU A 195 2.51 11.76 -0.04
CA LEU A 195 2.71 11.07 1.26
C LEU A 195 2.37 12.04 2.40
N PHE A 196 2.90 13.26 2.34
CA PHE A 196 2.70 14.33 3.37
C PHE A 196 1.20 14.49 3.63
N LYS A 197 0.37 14.56 2.57
CA LYS A 197 -1.10 14.77 2.70
C LYS A 197 -1.76 13.57 3.38
N VAL A 198 -1.26 12.35 3.15
CA VAL A 198 -1.84 11.13 3.81
C VAL A 198 -1.65 11.27 5.33
N ARG A 199 -0.42 11.57 5.78
CA ARG A 199 -0.10 11.69 7.23
C ARG A 199 -0.98 12.79 7.82
N GLU A 200 -1.05 13.94 7.12
CA GLU A 200 -1.73 15.18 7.58
C GLU A 200 -3.22 14.87 7.81
N SER A 201 -3.79 13.95 7.01
CA SER A 201 -5.19 13.52 7.16
C SER A 201 -5.49 12.77 8.46
N GLY A 202 -4.50 12.25 9.18
CA GLY A 202 -4.77 11.34 10.33
C GLY A 202 -4.84 9.85 9.93
N SER A 203 -4.81 9.53 8.65
CA SER A 203 -5.07 8.14 8.16
C SER A 203 -4.00 7.14 8.65
N LEU A 204 -2.79 7.63 9.00
CA LEU A 204 -1.63 6.74 9.35
C LEU A 204 -1.43 6.70 10.86
N SER A 205 -2.30 7.37 11.61
CA SER A 205 -2.10 7.59 13.05
C SER A 205 -2.69 6.45 13.90
N PRO A 206 -2.14 6.21 15.11
CA PRO A 206 -2.54 5.06 15.91
C PRO A 206 -3.95 5.10 16.51
N GLU A 207 -4.65 6.22 16.41
CA GLU A 207 -6.04 6.26 16.88
C GLU A 207 -6.97 5.52 15.89
N HIS A 208 -6.53 5.19 14.68
CA HIS A 208 -7.36 4.49 13.67
C HIS A 208 -6.80 3.08 13.44
N GLY A 209 -7.57 2.20 12.82
CA GLY A 209 -7.05 0.96 12.23
C GLY A 209 -5.97 1.26 11.19
N PRO A 210 -5.23 0.24 10.70
CA PRO A 210 -4.18 0.45 9.71
C PRO A 210 -4.76 0.96 8.37
N VAL A 211 -4.04 1.88 7.76
CA VAL A 211 -4.28 2.35 6.37
C VAL A 211 -4.31 1.11 5.43
N VAL A 212 -5.23 1.12 4.45
CA VAL A 212 -5.25 0.09 3.37
C VAL A 212 -4.51 0.66 2.18
N VAL A 213 -3.43 0.01 1.72
CA VAL A 213 -2.66 0.46 0.56
C VAL A 213 -2.69 -0.57 -0.59
N HIS A 214 -3.00 -0.14 -1.82
CA HIS A 214 -2.99 -1.08 -2.97
C HIS A 214 -2.46 -0.44 -4.26
N CYS A 215 -1.99 -1.30 -5.15
CA CYS A 215 -1.74 -0.97 -6.57
C CYS A 215 -2.45 -2.06 -7.38
N SER A 216 -1.85 -2.65 -8.40
CA SER A 216 -2.48 -3.84 -9.02
C SER A 216 -2.20 -5.12 -8.21
N ALA A 217 -0.93 -5.46 -7.98
CA ALA A 217 -0.59 -6.70 -7.20
C ALA A 217 -0.44 -6.40 -5.70
N GLY A 218 -0.27 -5.15 -5.33
CA GLY A 218 -0.07 -4.76 -3.91
C GLY A 218 1.32 -5.09 -3.37
N ILE A 219 2.36 -5.05 -4.18
CA ILE A 219 3.76 -5.28 -3.72
C ILE A 219 4.74 -4.25 -4.24
N GLY A 220 4.55 -3.70 -5.43
CA GLY A 220 5.54 -2.84 -6.08
C GLY A 220 5.44 -1.38 -5.68
N ARG A 221 4.57 -0.58 -6.32
CA ARG A 221 4.29 0.81 -5.87
C ARG A 221 3.89 0.82 -4.38
N SER A 222 3.05 -0.11 -3.95
CA SER A 222 2.57 -0.24 -2.55
C SER A 222 3.76 -0.39 -1.60
N GLY A 223 4.73 -1.24 -1.98
CA GLY A 223 5.99 -1.44 -1.23
C GLY A 223 6.77 -0.15 -1.07
N THR A 224 6.82 0.65 -2.14
CA THR A 224 7.59 1.91 -2.19
C THR A 224 6.99 2.90 -1.20
N PHE A 225 5.66 3.00 -1.14
CA PHE A 225 4.92 3.92 -0.25
C PHE A 225 5.26 3.59 1.22
N CYS A 226 5.11 2.32 1.65
CA CYS A 226 5.29 2.02 3.11
C CYS A 226 6.77 2.07 3.49
N LEU A 227 7.67 1.65 2.62
CA LEU A 227 9.15 1.69 2.85
C LEU A 227 9.59 3.14 3.06
N ALA A 228 9.15 4.04 2.19
CA ALA A 228 9.55 5.46 2.33
C ALA A 228 8.98 6.03 3.64
N ASP A 229 7.70 5.83 3.94
CA ASP A 229 7.06 6.35 5.18
C ASP A 229 7.82 5.86 6.43
N THR A 230 8.04 4.55 6.54
CA THR A 230 8.70 3.93 7.72
C THR A 230 10.13 4.49 7.86
N CYS A 231 10.92 4.54 6.80
CA CYS A 231 12.35 5.01 6.89
C CYS A 231 12.40 6.48 7.38
N LEU A 232 11.52 7.35 6.87
CA LEU A 232 11.46 8.77 7.32
C LEU A 232 11.01 8.86 8.79
N LEU A 233 10.09 8.02 9.24
CA LEU A 233 9.63 8.05 10.66
C LEU A 233 10.82 7.61 11.55
N LEU A 234 11.58 6.56 11.18
CA LEU A 234 12.77 6.12 11.98
C LEU A 234 13.83 7.22 12.04
N MET A 235 14.04 7.97 10.96
CA MET A 235 15.06 9.06 10.94
C MET A 235 14.64 10.16 11.92
N ASP A 236 13.34 10.39 12.11
CA ASP A 236 12.77 11.35 13.11
C ASP A 236 12.98 10.90 14.57
N LYS A 237 13.02 9.59 14.82
CA LYS A 237 13.05 9.03 16.20
C LYS A 237 14.48 8.82 16.71
N ARG A 238 15.43 8.41 15.86
CA ARG A 238 16.81 7.99 16.25
C ARG A 238 17.67 9.21 16.60
N LYS A 239 18.66 9.04 17.48
CA LYS A 239 19.65 10.09 17.81
C LYS A 239 20.61 10.24 16.62
N ASP A 240 20.83 9.15 15.88
CA ASP A 240 21.74 9.12 14.70
C ASP A 240 20.93 8.79 13.45
N PRO A 241 20.31 9.80 12.79
CA PRO A 241 19.56 9.59 11.55
C PRO A 241 20.34 8.79 10.47
N SER A 242 21.64 8.58 10.66
CA SER A 242 22.56 7.92 9.70
C SER A 242 22.54 6.40 9.89
N SER A 243 21.95 5.91 10.99
CA SER A 243 21.84 4.46 11.30
C SER A 243 20.65 3.83 10.57
N VAL A 244 19.86 4.58 9.80
CA VAL A 244 18.65 3.96 9.14
C VAL A 244 19.16 3.22 7.89
N ASP A 245 18.97 1.91 7.83
CA ASP A 245 19.48 1.08 6.72
C ASP A 245 18.27 0.61 5.87
N ILE A 246 18.08 1.23 4.72
CA ILE A 246 16.83 1.03 3.91
C ILE A 246 16.70 -0.46 3.52
N LYS A 247 17.81 -1.11 3.20
CA LYS A 247 17.83 -2.53 2.80
C LYS A 247 17.35 -3.38 3.97
N LYS A 248 17.77 -3.07 5.20
CA LYS A 248 17.32 -3.84 6.38
C LYS A 248 15.85 -3.59 6.72
N VAL A 249 15.36 -2.37 6.54
CA VAL A 249 13.91 -2.09 6.73
C VAL A 249 13.10 -2.90 5.70
N LEU A 250 13.52 -2.92 4.45
CA LEU A 250 12.82 -3.68 3.37
C LEU A 250 12.78 -5.16 3.72
N LEU A 251 13.91 -5.75 4.14
CA LEU A 251 13.87 -7.20 4.53
C LEU A 251 12.95 -7.44 5.72
N GLU A 252 12.86 -6.51 6.68
CA GLU A 252 11.91 -6.64 7.81
C GLU A 252 10.47 -6.65 7.24
N MET A 253 10.15 -5.72 6.35
CA MET A 253 8.79 -5.65 5.75
C MET A 253 8.47 -6.92 4.95
N ARG A 254 9.44 -7.49 4.26
CA ARG A 254 9.27 -8.76 3.49
C ARG A 254 9.05 -9.98 4.40
N LYS A 255 9.22 -9.86 5.72
CA LYS A 255 8.76 -10.95 6.61
C LYS A 255 7.23 -11.03 6.57
N PHE A 256 6.50 -9.94 6.17
CA PHE A 256 5.01 -9.89 6.31
C PHE A 256 4.27 -10.03 4.97
N ARG A 257 4.89 -9.67 3.86
CA ARG A 257 4.33 -9.85 2.49
C ARG A 257 5.46 -10.03 1.51
N MET A 258 5.32 -11.06 0.64
CA MET A 258 6.34 -11.37 -0.37
C MET A 258 6.48 -10.27 -1.41
N GLY A 259 7.70 -10.14 -1.94
CA GLY A 259 7.93 -9.43 -3.23
C GLY A 259 7.90 -7.91 -3.20
N LEU A 260 7.90 -7.28 -2.02
CA LEU A 260 7.78 -5.81 -1.87
C LEU A 260 8.98 -5.15 -2.57
N ILE A 261 8.70 -4.23 -3.48
CA ILE A 261 9.67 -3.59 -4.40
C ILE A 261 9.96 -4.63 -5.52
N GLN A 262 9.44 -4.40 -6.71
CA GLN A 262 9.38 -5.43 -7.81
C GLN A 262 10.56 -5.32 -8.77
N THR A 263 11.29 -4.19 -8.77
CA THR A 263 12.36 -3.93 -9.77
C THR A 263 13.52 -3.16 -9.12
N ALA A 264 14.70 -3.23 -9.73
CA ALA A 264 15.87 -2.41 -9.32
C ALA A 264 15.58 -0.92 -9.46
N ASP A 265 14.79 -0.48 -10.45
CA ASP A 265 14.39 0.95 -10.58
C ASP A 265 13.52 1.41 -9.39
N GLN A 266 12.58 0.59 -8.93
CA GLN A 266 11.74 0.91 -7.74
C GLN A 266 12.66 0.99 -6.51
N LEU A 267 13.68 0.13 -6.39
CA LEU A 267 14.62 0.21 -5.24
C LEU A 267 15.35 1.56 -5.29
N ARG A 268 15.91 1.93 -6.44
CA ARG A 268 16.62 3.24 -6.59
C ARG A 268 15.69 4.41 -6.28
N PHE A 269 14.44 4.41 -6.80
CA PHE A 269 13.44 5.44 -6.51
C PHE A 269 13.15 5.57 -4.99
N SER A 270 13.09 4.44 -4.27
CA SER A 270 12.80 4.44 -2.80
C SER A 270 13.96 5.17 -2.10
N TYR A 271 15.21 4.86 -2.46
CA TYR A 271 16.41 5.59 -1.94
C TYR A 271 16.29 7.09 -2.21
N LEU A 272 15.93 7.46 -3.45
CA LEU A 272 15.83 8.91 -3.82
C LEU A 272 14.78 9.60 -2.96
N ALA A 273 13.60 8.97 -2.77
CA ALA A 273 12.48 9.57 -2.02
C ALA A 273 12.90 9.80 -0.56
N VAL A 274 13.57 8.83 0.05
CA VAL A 274 13.96 8.92 1.48
C VAL A 274 15.04 10.03 1.61
N ILE A 275 16.04 9.94 0.73
CA ILE A 275 17.24 10.85 0.69
C ILE A 275 16.77 12.30 0.58
N GLU A 276 15.93 12.62 -0.40
CA GLU A 276 15.39 13.98 -0.61
C GLU A 276 14.59 14.39 0.63
N GLY A 277 13.80 13.47 1.19
CA GLY A 277 12.93 13.74 2.35
C GLY A 277 13.73 14.05 3.61
N ALA A 278 14.94 13.48 3.74
CA ALA A 278 15.85 13.65 4.89
C ALA A 278 16.13 15.14 5.12
N LYS A 279 16.55 15.84 4.05
CA LYS A 279 17.06 17.23 4.12
C LYS A 279 15.97 18.12 4.74
N PHE A 280 14.72 17.89 4.34
CA PHE A 280 13.52 18.60 4.90
C PHE A 280 13.23 18.04 6.30
N ILE A 281 13.18 16.72 6.44
CA ILE A 281 12.87 16.03 7.74
C ILE A 281 13.93 16.45 8.77
N MET A 282 15.06 17.01 8.32
CA MET A 282 16.16 17.49 9.19
C MET A 282 15.92 18.94 9.61
N GLY A 283 14.64 19.35 9.69
CA GLY A 283 14.30 20.71 10.19
C GLY A 283 14.16 21.79 9.12
C TRS B . 2.04 -12.99 14.08
C1 TRS B . 2.79 -13.02 12.73
C2 TRS B . 2.91 -12.42 15.22
C3 TRS B . 1.61 -14.37 14.42
N TRS B . 0.76 -12.17 13.95
O1 TRS B . 2.51 -11.88 11.92
O2 TRS B . 3.82 -11.43 14.73
O3 TRS B . 0.88 -15.00 13.31
H11 TRS B . 2.52 -13.83 12.24
H12 TRS B . 3.75 -13.08 12.90
H21 TRS B . 3.41 -13.15 15.64
H22 TRS B . 2.33 -12.02 15.90
H31 TRS B . 1.04 -14.35 15.22
H32 TRS B . 2.41 -14.91 14.63
HN1 TRS B . 0.04 -12.65 14.25
HN2 TRS B . 0.61 -11.94 13.09
HN3 TRS B . 0.81 -11.42 14.44
HO1 TRS B . 2.94 -11.69 11.18
HO2 TRS B . 4.35 -11.06 15.05
HO3 TRS B . 0.30 -14.47 13.00
C10 A1ABG C . 6.65 12.63 4.57
C13 A1ABG C . 6.63 17.48 1.86
C15 A1ABG C . 5.22 19.68 2.00
C17 A1ABG C . 6.33 21.87 2.34
C01 A1ABG C . 8.99 17.76 -1.90
C03 A1ABG C . 8.85 17.05 0.54
C06 A1ABG C . 8.65 16.32 3.09
C07 A1ABG C . 7.95 15.01 3.65
C08 A1ABG C . 8.31 14.44 4.89
C09 A1ABG C . 7.66 13.25 5.34
C11 A1ABG C . 6.29 13.21 3.32
C12 A1ABG C . 6.94 14.37 2.88
C14 A1ABG C . 6.49 19.04 2.02
C16 A1ABG C . 5.14 21.11 2.15
C19 A1ABG C . 7.64 19.86 2.21
N02 A1ABG C . 8.24 17.62 -0.60
N05 A1ABG C . 8.06 16.95 1.76
N18 A1ABG C . 7.55 21.23 2.35
S04 A1ABG C . 10.42 16.50 0.44
H101 A1ABG C . 6.16 11.76 4.90
H132 A1ABG C . 6.00 17.09 1.01
H131 A1ABG C . 6.15 16.94 2.69
H151 A1ABG C . 4.36 19.15 1.86
H171 A1ABG C . 6.27 22.91 2.45
H012 A1ABG C . 8.43 18.16 -2.72
H013 A1ABG C . 9.36 16.75 -2.28
H011 A1ABG C . 9.91 18.34 -1.83
H062 A1ABG C . 9.76 16.19 2.99
H061 A1ABG C . 8.67 17.14 3.85
H081 A1ABG C . 9.04 14.84 5.52
H091 A1ABG C . 7.91 12.80 6.28
H111 A1ABG C . 5.53 12.74 2.75
H121 A1ABG C . 6.63 14.75 1.95
H161 A1ABG C . 4.20 21.61 2.14
H191 A1ABG C . 8.61 19.46 2.24
H021 A1ABG C . 7.35 17.99 -0.67
#